data_4JLT
#
_entry.id   4JLT
#
_cell.length_a   90.760
_cell.length_b   90.760
_cell.length_c   153.681
_cell.angle_alpha   90.000
_cell.angle_beta   90.000
_cell.angle_gamma   120.000
#
_symmetry.space_group_name_H-M   'P 31 2 1'
#
loop_
_entity.id
_entity.type
_entity.pdbx_description
1 polymer 'Cytochrome P450 2B4'
2 non-polymer 'PROTOPORPHYRIN IX CONTAINING FE'
3 non-polymer 5-CYCLOHEXYL-1-PENTYL-BETA-D-MALTOSIDE
4 non-polymer Paroxetine
5 non-polymer 'SULFATE ION'
6 non-polymer GLYCEROL
7 non-polymer 'PHOSPHATE ION'
8 water water
#
_entity_poly.entity_id   1
_entity_poly.type   'polypeptide(L)'
_entity_poly.pdbx_seq_one_letter_code
;MAKKTSSKGKLPPGPSPLPVLGNLLQMDRKGLLRSFLRLREKYGDVFTVYLGSRPVVVLCGTDAIREALVDQAEAFSGRG
KIAVVDPIFQGYGVIFANGERWRALRRFSLATMRDFGMGKRSVEERIQEEARCLVEELRKSKGALLDNTLLFHSITSNII
CSIVFGKRFDYKDPVFLRLLDLFFQSFSLISSFSSQVFELFSGFLKYFPGTHRQIYRNLQEINTFIGQSVEKHRATLDPS
NPRDFIDVYLLRMEKDKSDPSSEFHHQNLILTVLSLFFAGTETTSTTLRYGFLLMLKYPHVTERVQKEIEQVIGSHRPPA
LDDRAKMPYTDAVIHEIQRLGDLIPFGVPHTVTKDTQFRGYVIPKNTEVFPVLSSALHDPRYFETPNTFNPGHFLDANGA
LKRNEGFMPFSLGKRICLGEGIARTELFLFFTTILQNFSIASPVPPEDIDLTPRESGVGNVPPSYQIRFLARHHHH
;
_entity_poly.pdbx_strand_id   A
#
loop_
_chem_comp.id
_chem_comp.type
_chem_comp.name
_chem_comp.formula
8PR non-polymer Paroxetine 'C19 H20 F N O3'
CM5 non-polymer 5-CYCLOHEXYL-1-PENTYL-BETA-D-MALTOSIDE 'C23 H42 O11'
GOL non-polymer GLYCEROL 'C3 H8 O3'
HEM non-polymer 'PROTOPORPHYRIN IX CONTAINING FE' 'C34 H32 Fe N4 O4'
PO4 non-polymer 'PHOSPHATE ION' 'O4 P -3'
SO4 non-polymer 'SULFATE ION' 'O4 S -2'
#
# COMPACT_ATOMS: atom_id res chain seq x y z
N GLY A 9 13.96 10.81 31.78
CA GLY A 9 13.70 10.21 30.48
C GLY A 9 14.38 10.96 29.35
N LYS A 10 14.57 10.28 28.23
CA LYS A 10 15.20 10.88 27.07
C LYS A 10 14.89 10.11 25.79
N LEU A 11 15.46 10.55 24.68
CA LEU A 11 15.24 9.90 23.39
C LEU A 11 16.16 8.69 23.21
N PRO A 12 15.70 7.70 22.43
CA PRO A 12 16.55 6.57 22.05
C PRO A 12 17.91 7.00 21.46
N PRO A 13 18.92 6.21 21.67
CA PRO A 13 20.24 6.57 21.21
C PRO A 13 20.34 6.74 19.71
N GLY A 14 21.35 7.45 19.26
CA GLY A 14 21.62 7.63 17.86
C GLY A 14 22.79 8.55 17.60
N PRO A 15 23.12 8.74 16.34
CA PRO A 15 24.26 9.58 16.00
C PRO A 15 24.00 11.03 16.35
N SER A 16 25.02 11.70 16.91
CA SER A 16 24.90 13.11 17.25
C SER A 16 24.68 13.92 15.98
N PRO A 17 23.76 14.87 16.02
CA PRO A 17 23.42 15.61 14.83
C PRO A 17 24.11 16.94 14.67
N LEU A 18 24.11 17.45 13.46
CA LEU A 18 24.48 18.83 13.20
C LEU A 18 23.24 19.66 13.24
N PRO A 19 23.40 20.95 13.41
CA PRO A 19 22.30 21.86 13.64
C PRO A 19 21.29 22.00 12.50
N VAL A 20 21.76 22.24 11.30
CA VAL A 20 20.75 22.39 10.24
C VAL A 20 20.57 21.06 9.48
N LEU A 21 21.67 20.33 9.41
CA LEU A 21 21.78 19.20 8.52
C LEU A 21 21.40 17.87 9.19
N GLY A 22 21.04 17.91 10.49
CA GLY A 22 20.77 16.71 11.27
C GLY A 22 21.83 15.67 11.03
N ASN A 23 21.42 14.46 10.70
CA ASN A 23 22.34 13.34 10.60
C ASN A 23 22.68 13.06 9.17
N LEU A 24 22.61 14.11 8.34
CA LEU A 24 22.97 14.04 6.93
C LEU A 24 24.22 13.24 6.72
N LEU A 25 25.29 13.56 7.46
CA LEU A 25 26.56 12.90 7.19
C LEU A 25 26.58 11.44 7.62
N GLN A 26 25.61 11.04 8.46
CA GLN A 26 25.58 9.62 8.84
C GLN A 26 24.54 8.81 8.05
N MET A 27 23.99 9.45 7.02
CA MET A 27 23.09 8.77 6.07
C MET A 27 23.90 8.02 4.97
N ASP A 28 23.22 7.09 4.33
CA ASP A 28 23.77 6.28 3.24
C ASP A 28 23.08 6.74 1.96
N ARG A 29 23.84 6.92 0.91
CA ARG A 29 23.34 7.48 -0.33
C ARG A 29 22.34 6.62 -1.10
N LYS A 30 22.17 5.39 -0.69
CA LYS A 30 21.19 4.52 -1.32
C LYS A 30 19.78 4.83 -0.88
N GLY A 31 19.62 5.71 0.08
CA GLY A 31 18.30 6.13 0.51
C GLY A 31 17.94 5.87 1.95
N LEU A 32 16.74 6.26 2.31
CA LEU A 32 16.24 6.16 3.71
C LEU A 32 16.34 4.74 4.32
N LEU A 33 15.71 3.75 3.67
CA LEU A 33 15.72 2.37 4.13
C LEU A 33 17.16 1.93 4.47
N ARG A 34 18.06 2.11 3.51
CA ARG A 34 19.44 1.71 3.71
C ARG A 34 20.10 2.48 4.88
N SER A 35 19.81 3.78 4.94
CA SER A 35 20.25 4.64 6.05
C SER A 35 19.82 4.07 7.42
N PHE A 36 18.55 3.67 7.51
CA PHE A 36 18.01 3.11 8.72
C PHE A 36 18.64 1.75 9.06
N LEU A 37 18.96 0.92 8.07
CA LEU A 37 19.42 -0.42 8.38
C LEU A 37 20.85 -0.39 8.87
N ARG A 38 21.62 0.53 8.39
CA ARG A 38 22.97 0.67 8.83
C ARG A 38 23.02 1.26 10.21
N LEU A 39 22.21 2.25 10.48
CA LEU A 39 22.21 2.78 11.82
C LEU A 39 21.73 1.72 12.82
N ARG A 40 20.82 0.86 12.39
CA ARG A 40 20.30 -0.16 13.30
C ARG A 40 21.48 -1.03 13.79
N GLU A 41 22.40 -1.27 12.89
CA GLU A 41 23.58 -2.04 13.15
C GLU A 41 24.43 -1.44 14.25
N LYS A 42 24.54 -0.14 14.25
CA LYS A 42 25.32 0.50 15.25
C LYS A 42 24.55 0.80 16.52
N TYR A 43 23.28 1.12 16.42
CA TYR A 43 22.55 1.64 17.57
C TYR A 43 21.45 0.78 18.20
N GLY A 44 21.19 -0.39 17.67
CA GLY A 44 20.10 -1.21 18.18
C GLY A 44 18.75 -0.99 17.51
N ASP A 45 17.74 -1.59 18.09
CA ASP A 45 16.47 -1.76 17.44
C ASP A 45 15.60 -0.52 17.53
N VAL A 46 15.97 0.37 18.44
CA VAL A 46 15.26 1.60 18.65
C VAL A 46 16.24 2.74 18.76
N PHE A 47 16.14 3.67 17.80
CA PHE A 47 17.10 4.74 17.71
C PHE A 47 16.52 6.04 17.17
N THR A 48 17.28 7.11 17.37
CA THR A 48 16.84 8.43 16.96
C THR A 48 17.75 8.91 15.83
N VAL A 49 17.14 9.40 14.75
CA VAL A 49 17.88 10.01 13.64
C VAL A 49 17.33 11.43 13.35
N TYR A 50 18.20 12.38 13.04
CA TYR A 50 17.72 13.73 12.77
C TYR A 50 17.58 13.90 11.25
N LEU A 51 16.35 14.10 10.78
CA LEU A 51 16.07 14.34 9.36
C LEU A 51 16.01 15.85 9.27
N GLY A 52 17.07 16.46 8.73
CA GLY A 52 17.29 17.91 8.97
C GLY A 52 17.27 18.13 10.49
N SER A 53 16.41 19.03 10.96
CA SER A 53 16.37 19.32 12.41
C SER A 53 15.26 18.57 13.20
N ARG A 54 14.49 17.69 12.54
CA ARG A 54 13.47 16.87 13.20
C ARG A 54 14.06 15.55 13.71
N PRO A 55 13.92 15.27 15.03
CA PRO A 55 14.18 13.95 15.62
C PRO A 55 13.13 12.96 15.17
N VAL A 56 13.59 11.79 14.75
CA VAL A 56 12.64 10.78 14.26
C VAL A 56 13.05 9.49 14.95
N VAL A 57 12.09 8.81 15.52
CA VAL A 57 12.41 7.55 16.17
C VAL A 57 12.12 6.43 15.24
N VAL A 58 13.10 5.58 15.07
CA VAL A 58 13.01 4.49 14.13
C VAL A 58 12.89 3.17 14.89
N LEU A 59 11.88 2.36 14.53
CA LEU A 59 11.64 1.06 15.13
C LEU A 59 11.98 -0.07 14.18
N CYS A 60 12.90 -0.97 14.60
CA CYS A 60 13.29 -2.12 13.78
C CYS A 60 13.02 -3.48 14.46
N GLY A 61 12.64 -4.46 13.64
CA GLY A 61 12.41 -5.84 14.07
C GLY A 61 10.99 -6.00 14.52
N THR A 62 10.44 -7.19 14.31
CA THR A 62 9.06 -7.48 14.67
C THR A 62 8.72 -7.05 16.11
N ASP A 63 9.62 -7.36 17.05
CA ASP A 63 9.25 -7.30 18.47
C ASP A 63 9.14 -5.83 18.91
N ALA A 64 10.12 -4.97 18.57
CA ALA A 64 9.99 -3.53 18.90
C ALA A 64 8.81 -2.82 18.21
N ILE A 65 8.58 -3.13 16.95
CA ILE A 65 7.40 -2.57 16.27
C ILE A 65 6.09 -3.02 16.95
N ARG A 66 5.95 -4.31 17.21
CA ARG A 66 4.75 -4.74 18.01
C ARG A 66 4.67 -4.05 19.39
N GLU A 67 5.77 -3.99 20.12
CA GLU A 67 5.73 -3.30 21.44
C GLU A 67 5.14 -1.90 21.34
N ALA A 68 5.43 -1.20 20.24
CA ALA A 68 4.91 0.15 20.04
C ALA A 68 3.49 0.15 19.53
N LEU A 69 3.31 -0.38 18.32
CA LEU A 69 2.02 -0.24 17.62
C LEU A 69 0.87 -1.09 18.20
N VAL A 70 1.22 -2.19 18.87
CA VAL A 70 0.21 -3.08 19.44
C VAL A 70 0.18 -2.82 20.96
N ASP A 71 1.31 -2.90 21.66
CA ASP A 71 1.26 -2.77 23.15
C ASP A 71 1.03 -1.34 23.66
N GLN A 72 1.34 -0.30 22.86
CA GLN A 72 0.96 1.08 23.18
C GLN A 72 0.24 1.75 22.01
N ALA A 73 -0.87 1.16 21.65
CA ALA A 73 -1.49 1.35 20.34
C ALA A 73 -1.97 2.77 20.22
N GLU A 74 -2.46 3.31 21.34
CA GLU A 74 -3.03 4.67 21.33
C GLU A 74 -1.89 5.67 21.28
N ALA A 75 -0.89 5.46 22.11
CA ALA A 75 0.19 6.37 22.10
C ALA A 75 0.78 6.49 20.65
N PHE A 76 0.94 5.34 19.99
CA PHE A 76 1.62 5.28 18.71
C PHE A 76 0.66 5.47 17.53
N SER A 77 -0.55 6.01 17.74
CA SER A 77 -1.55 6.11 16.66
C SER A 77 -1.56 7.42 15.89
N GLY A 78 -0.57 8.27 16.11
CA GLY A 78 -0.52 9.53 15.36
C GLY A 78 0.03 9.27 13.94
N ARG A 79 -0.25 10.20 13.04
CA ARG A 79 0.21 10.16 11.63
C ARG A 79 1.20 11.28 11.44
N GLY A 80 2.37 10.96 10.86
CA GLY A 80 3.35 12.01 10.53
C GLY A 80 3.14 12.41 9.05
N LYS A 81 3.65 13.57 8.68
CA LYS A 81 3.44 14.19 7.35
C LYS A 81 4.41 13.59 6.34
N ILE A 82 4.06 13.56 5.07
CA ILE A 82 5.05 13.15 4.06
C ILE A 82 5.40 14.39 3.24
N ALA A 83 6.61 14.93 3.39
CA ALA A 83 6.79 16.26 2.84
C ALA A 83 6.28 16.50 1.42
N VAL A 84 6.59 15.64 0.50
CA VAL A 84 6.14 15.86 -0.93
C VAL A 84 4.64 15.84 -1.16
N VAL A 85 3.87 15.23 -0.28
CA VAL A 85 2.43 15.33 -0.48
C VAL A 85 1.67 16.18 0.55
N ASP A 86 2.30 16.51 1.66
CA ASP A 86 1.63 17.44 2.59
C ASP A 86 1.04 18.71 1.94
N PRO A 87 1.75 19.32 0.95
CA PRO A 87 1.07 20.53 0.40
C PRO A 87 -0.25 20.18 -0.30
N ILE A 88 -0.45 18.93 -0.60
CA ILE A 88 -1.74 18.55 -1.12
C ILE A 88 -2.71 18.14 -0.01
N PHE A 89 -2.32 17.24 0.87
CA PHE A 89 -3.26 16.72 1.91
C PHE A 89 -3.49 17.72 3.06
N GLN A 90 -2.42 18.39 3.49
CA GLN A 90 -2.42 19.39 4.59
C GLN A 90 -3.24 18.89 5.82
N GLY A 91 -3.20 17.59 6.09
CA GLY A 91 -3.74 17.03 7.32
C GLY A 91 -5.19 16.72 7.18
N TYR A 92 -5.70 16.75 5.94
CA TYR A 92 -7.07 16.40 5.63
C TYR A 92 -7.15 15.04 4.98
N GLY A 93 -8.33 14.44 5.00
CA GLY A 93 -8.50 13.12 4.48
C GLY A 93 -8.03 12.06 5.51
N VAL A 94 -8.48 10.86 5.27
CA VAL A 94 -8.35 9.72 6.20
C VAL A 94 -6.89 9.36 6.55
N ILE A 95 -5.99 9.39 5.60
CA ILE A 95 -4.61 9.07 5.80
C ILE A 95 -3.86 10.07 6.64
N PHE A 96 -3.99 11.26 6.30
CA PHE A 96 -3.12 12.21 6.94
C PHE A 96 -3.73 13.00 8.08
N ALA A 97 -5.01 12.73 8.39
CA ALA A 97 -5.69 13.36 9.55
C ALA A 97 -5.15 12.76 10.83
N ASN A 98 -5.37 13.51 11.92
CA ASN A 98 -4.91 13.15 13.26
C ASN A 98 -6.06 13.37 14.22
N GLY A 99 -5.95 12.79 15.41
CA GLY A 99 -6.95 13.01 16.47
C GLY A 99 -8.37 12.72 16.02
N GLU A 100 -9.28 13.60 16.45
CA GLU A 100 -10.71 13.43 16.24
C GLU A 100 -11.08 13.40 14.77
N ARG A 101 -10.45 14.26 13.99
CA ARG A 101 -10.69 14.21 12.53
C ARG A 101 -10.43 12.78 11.95
N TRP A 102 -9.25 12.24 12.26
CA TRP A 102 -8.94 10.85 11.78
C TRP A 102 -9.96 9.78 12.23
N ARG A 103 -10.25 9.82 13.54
CA ARG A 103 -11.19 8.84 14.13
C ARG A 103 -12.49 8.88 13.42
N ALA A 104 -13.00 10.09 13.19
CA ALA A 104 -14.29 10.21 12.49
C ALA A 104 -14.18 9.75 11.05
N LEU A 105 -13.15 10.19 10.34
CA LEU A 105 -13.08 9.75 8.90
C LEU A 105 -12.79 8.21 8.81
N ARG A 106 -11.92 7.69 9.69
CA ARG A 106 -11.60 6.24 9.61
C ARG A 106 -12.85 5.42 9.91
N ARG A 107 -13.57 5.81 10.98
CA ARG A 107 -14.82 5.12 11.33
C ARG A 107 -15.79 5.17 10.16
N PHE A 108 -16.01 6.39 9.65
CA PHE A 108 -16.90 6.49 8.51
C PHE A 108 -16.43 5.65 7.29
N SER A 109 -15.13 5.73 6.93
CA SER A 109 -14.63 5.00 5.72
C SER A 109 -14.75 3.45 5.83
N LEU A 110 -14.35 2.90 6.97
CA LEU A 110 -14.52 1.42 7.23
C LEU A 110 -15.96 0.96 7.07
N ALA A 111 -16.87 1.61 7.78
CA ALA A 111 -18.32 1.30 7.70
C ALA A 111 -18.85 1.42 6.26
N THR A 112 -18.50 2.52 5.60
CA THR A 112 -18.95 2.73 4.22
C THR A 112 -18.46 1.67 3.20
N MET A 113 -17.17 1.33 3.17
CA MET A 113 -16.67 0.36 2.15
C MET A 113 -17.05 -1.09 2.47
N ARG A 114 -17.42 -1.33 3.72
CA ARG A 114 -17.81 -2.66 4.18
C ARG A 114 -19.27 -2.97 3.88
N ASP A 115 -19.86 -2.23 2.96
CA ASP A 115 -21.25 -2.45 2.56
C ASP A 115 -21.48 -2.31 1.06
N ARG A 121 -24.03 -4.92 -4.87
CA ARG A 121 -22.85 -5.69 -5.21
C ARG A 121 -21.72 -5.45 -4.22
N SER A 122 -21.36 -6.49 -3.46
CA SER A 122 -20.28 -6.38 -2.48
C SER A 122 -18.95 -6.05 -3.16
N VAL A 123 -17.97 -5.65 -2.36
CA VAL A 123 -16.61 -5.51 -2.81
C VAL A 123 -16.07 -6.78 -3.45
N GLU A 124 -16.33 -7.91 -2.81
CA GLU A 124 -15.91 -9.18 -3.40
C GLU A 124 -16.43 -9.35 -4.84
N GLU A 125 -17.71 -9.11 -5.05
CA GLU A 125 -18.33 -9.18 -6.35
C GLU A 125 -17.75 -8.24 -7.40
N ARG A 126 -17.50 -6.99 -7.04
CA ARG A 126 -16.82 -6.08 -7.95
C ARG A 126 -15.47 -6.64 -8.38
N ILE A 127 -14.77 -7.27 -7.45
CA ILE A 127 -13.49 -7.85 -7.75
C ILE A 127 -13.58 -9.02 -8.71
N GLN A 128 -14.51 -9.92 -8.50
CA GLN A 128 -14.68 -11.03 -9.42
C GLN A 128 -15.05 -10.56 -10.82
N GLU A 129 -15.85 -9.47 -10.89
CA GLU A 129 -16.26 -8.92 -12.18
C GLU A 129 -15.06 -8.29 -12.89
N GLU A 130 -14.26 -7.54 -12.16
CA GLU A 130 -13.01 -6.97 -12.71
C GLU A 130 -12.05 -8.09 -13.22
N ALA A 131 -11.99 -9.19 -12.45
CA ALA A 131 -11.06 -10.29 -12.78
C ALA A 131 -11.62 -10.92 -14.06
N ARG A 132 -12.94 -11.05 -14.14
CA ARG A 132 -13.57 -11.55 -15.37
C ARG A 132 -13.26 -10.66 -16.60
N CYS A 133 -13.35 -9.34 -16.41
CA CYS A 133 -12.92 -8.36 -17.47
C CYS A 133 -11.44 -8.49 -17.82
N LEU A 134 -10.59 -8.63 -16.79
CA LEU A 134 -9.17 -8.78 -17.08
C LEU A 134 -8.88 -10.04 -17.93
N VAL A 135 -9.52 -11.15 -17.57
CA VAL A 135 -9.24 -12.42 -18.27
C VAL A 135 -9.65 -12.31 -19.75
N GLU A 136 -10.80 -11.68 -19.95
CA GLU A 136 -11.35 -11.47 -21.29
C GLU A 136 -10.37 -10.60 -22.09
N GLU A 137 -9.81 -9.57 -21.45
CA GLU A 137 -8.78 -8.75 -22.08
C GLU A 137 -7.49 -9.52 -22.42
N LEU A 138 -6.94 -10.23 -21.41
CA LEU A 138 -5.73 -11.01 -21.63
C LEU A 138 -5.87 -12.06 -22.75
N ARG A 139 -7.04 -12.71 -22.83
CA ARG A 139 -7.27 -13.70 -23.85
C ARG A 139 -7.13 -13.09 -25.25
N LYS A 140 -7.56 -11.84 -25.41
CA LYS A 140 -7.48 -11.17 -26.69
C LYS A 140 -6.02 -11.06 -27.17
N SER A 141 -5.09 -11.33 -26.27
CA SER A 141 -3.67 -11.26 -26.59
C SER A 141 -3.23 -12.48 -27.39
N LYS A 142 -3.77 -13.64 -27.02
CA LYS A 142 -3.42 -14.89 -27.71
C LYS A 142 -1.99 -15.30 -27.40
N GLY A 143 -1.49 -14.88 -26.25
CA GLY A 143 -0.11 -15.21 -25.84
C GLY A 143 0.98 -14.31 -26.39
N ALA A 144 0.60 -13.11 -26.80
CA ALA A 144 1.60 -12.12 -27.17
C ALA A 144 2.39 -11.67 -25.92
N LEU A 145 3.63 -11.24 -26.12
CA LEU A 145 4.44 -10.72 -25.03
C LEU A 145 3.80 -9.42 -24.61
N LEU A 146 3.80 -9.13 -23.31
CA LEU A 146 3.29 -7.83 -22.85
C LEU A 146 3.93 -7.44 -21.55
N ASP A 147 3.92 -6.14 -21.29
CA ASP A 147 4.28 -5.61 -20.00
C ASP A 147 2.95 -5.46 -19.26
N ASN A 148 2.74 -6.26 -18.19
CA ASN A 148 1.43 -6.26 -17.45
C ASN A 148 1.26 -5.06 -16.52
N THR A 149 2.23 -4.16 -16.47
CA THR A 149 2.19 -2.97 -15.57
C THR A 149 0.88 -2.17 -15.63
N LEU A 150 0.50 -1.76 -16.81
CA LEU A 150 -0.68 -0.97 -17.02
C LEU A 150 -1.97 -1.68 -16.67
N LEU A 151 -2.13 -2.89 -17.12
CA LEU A 151 -3.31 -3.66 -16.75
C LEU A 151 -3.46 -3.79 -15.26
N PHE A 152 -2.34 -3.97 -14.55
CA PHE A 152 -2.42 -4.17 -13.11
C PHE A 152 -2.74 -2.81 -12.44
N HIS A 153 -2.21 -1.70 -12.95
CA HIS A 153 -2.66 -0.38 -12.47
C HIS A 153 -4.14 -0.20 -12.75
N SER A 154 -4.63 -0.75 -13.86
CA SER A 154 -6.00 -0.40 -14.27
C SER A 154 -7.00 -1.20 -13.40
N ILE A 155 -6.68 -2.49 -13.16
CA ILE A 155 -7.64 -3.30 -12.41
C ILE A 155 -7.78 -2.74 -11.03
N THR A 156 -6.65 -2.34 -10.42
CA THR A 156 -6.72 -1.96 -9.03
C THR A 156 -7.37 -0.56 -8.93
N SER A 157 -7.09 0.31 -9.90
CA SER A 157 -7.75 1.67 -9.91
C SER A 157 -9.23 1.45 -10.08
N ASN A 158 -9.60 0.51 -10.94
CA ASN A 158 -10.99 0.26 -11.18
C ASN A 158 -11.74 -0.26 -9.96
N ILE A 159 -11.07 -1.03 -9.09
CA ILE A 159 -11.75 -1.39 -7.80
C ILE A 159 -12.05 -0.13 -6.96
N ILE A 160 -11.09 0.76 -6.81
CA ILE A 160 -11.34 2.00 -6.08
C ILE A 160 -12.45 2.83 -6.76
N CYS A 161 -12.41 2.95 -8.10
CA CYS A 161 -13.43 3.68 -8.87
C CYS A 161 -14.81 3.10 -8.63
N SER A 162 -14.88 1.77 -8.63
CA SER A 162 -16.18 1.16 -8.42
C SER A 162 -16.77 1.48 -7.02
N ILE A 163 -15.90 1.52 -6.01
CA ILE A 163 -16.27 1.92 -4.64
C ILE A 163 -16.62 3.43 -4.48
N VAL A 164 -15.76 4.33 -5.02
CA VAL A 164 -15.96 5.76 -4.83
C VAL A 164 -16.92 6.44 -5.84
N PHE A 165 -16.84 6.09 -7.14
CA PHE A 165 -17.62 6.69 -8.26
C PHE A 165 -18.71 5.77 -8.70
N GLY A 166 -18.77 4.56 -8.15
CA GLY A 166 -19.88 3.69 -8.54
C GLY A 166 -19.78 3.27 -9.97
N LYS A 167 -18.56 3.20 -10.53
CA LYS A 167 -18.39 2.77 -11.93
C LYS A 167 -16.98 2.24 -12.13
N ARG A 168 -16.77 1.46 -13.18
CA ARG A 168 -15.41 1.14 -13.58
C ARG A 168 -15.23 1.72 -14.98
N PHE A 169 -13.97 1.75 -15.48
CA PHE A 169 -13.62 2.23 -16.81
C PHE A 169 -13.03 1.13 -17.67
N ASP A 170 -13.34 1.20 -18.96
CA ASP A 170 -12.74 0.33 -19.94
C ASP A 170 -11.26 0.47 -20.00
N TYR A 171 -10.55 -0.64 -20.27
CA TYR A 171 -9.08 -0.69 -20.31
C TYR A 171 -8.48 0.25 -21.36
N LYS A 172 -9.24 0.53 -22.43
CA LYS A 172 -8.75 1.37 -23.52
C LYS A 172 -9.30 2.81 -23.52
N ASP A 173 -10.08 3.17 -22.49
CA ASP A 173 -10.64 4.49 -22.37
C ASP A 173 -9.50 5.54 -22.21
N PRO A 174 -9.34 6.43 -23.22
CA PRO A 174 -8.12 7.24 -23.23
C PRO A 174 -8.13 8.33 -22.18
N VAL A 175 -9.31 8.76 -21.74
CA VAL A 175 -9.37 9.75 -20.63
C VAL A 175 -9.00 9.13 -19.26
N PHE A 176 -9.54 7.92 -19.03
CA PHE A 176 -9.14 7.09 -17.87
C PHE A 176 -7.62 6.94 -17.87
N LEU A 177 -7.10 6.56 -19.02
CA LEU A 177 -5.65 6.28 -19.18
C LEU A 177 -4.82 7.51 -19.00
N ARG A 178 -5.31 8.64 -19.49
CA ARG A 178 -4.59 9.88 -19.27
C ARG A 178 -4.43 10.21 -17.79
N LEU A 179 -5.50 10.11 -17.04
CA LEU A 179 -5.50 10.37 -15.63
C LEU A 179 -4.74 9.32 -14.88
N LEU A 180 -4.96 8.08 -15.23
CA LEU A 180 -4.12 6.97 -14.68
C LEU A 180 -2.65 7.25 -14.86
N ASP A 181 -2.22 7.56 -16.08
CA ASP A 181 -0.78 7.81 -16.33
C ASP A 181 -0.26 8.91 -15.42
N LEU A 182 -0.98 10.02 -15.32
CA LEU A 182 -0.35 11.11 -14.58
C LEU A 182 -0.46 10.80 -13.07
N PHE A 183 -1.52 10.07 -12.68
CA PHE A 183 -1.60 9.63 -11.26
C PHE A 183 -0.42 8.71 -10.93
N PHE A 184 -0.19 7.65 -11.72
CA PHE A 184 0.94 6.73 -11.39
C PHE A 184 2.28 7.27 -11.58
N GLN A 185 2.43 8.24 -12.47
CA GLN A 185 3.68 8.97 -12.55
C GLN A 185 4.03 9.56 -11.20
N SER A 186 3.03 10.01 -10.48
CA SER A 186 3.23 10.64 -9.13
C SER A 186 3.90 9.71 -8.12
N PHE A 187 3.50 8.43 -8.11
CA PHE A 187 4.20 7.40 -7.25
C PHE A 187 5.70 7.23 -7.48
N SER A 188 6.14 7.02 -8.75
CA SER A 188 7.57 7.00 -9.08
C SER A 188 8.26 8.23 -8.57
N LEU A 189 7.67 9.37 -8.84
CA LEU A 189 8.27 10.60 -8.37
C LEU A 189 8.37 10.64 -6.83
N ILE A 190 7.32 10.23 -6.17
CA ILE A 190 7.25 10.28 -4.70
C ILE A 190 8.35 9.35 -4.15
N SER A 191 8.60 8.23 -4.86
CA SER A 191 9.63 7.27 -4.44
C SER A 191 11.05 7.67 -4.76
N SER A 192 11.27 8.71 -5.52
CA SER A 192 12.62 8.96 -6.03
C SER A 192 13.57 9.41 -4.91
N PHE A 193 14.87 9.25 -5.13
CA PHE A 193 15.88 9.90 -4.29
C PHE A 193 15.59 11.41 -4.12
N SER A 194 15.13 12.06 -5.18
CA SER A 194 14.93 13.49 -5.12
C SER A 194 13.86 13.90 -4.04
N SER A 195 12.85 13.09 -3.91
CA SER A 195 11.82 13.29 -2.95
C SER A 195 12.28 12.95 -1.54
N GLN A 196 13.09 11.92 -1.44
CA GLN A 196 13.72 11.59 -0.19
C GLN A 196 14.57 12.75 0.30
N VAL A 197 15.26 13.43 -0.58
CA VAL A 197 15.99 14.64 -0.17
C VAL A 197 15.01 15.71 0.28
N PHE A 198 13.86 15.80 -0.38
CA PHE A 198 12.82 16.75 -0.01
C PHE A 198 12.26 16.47 1.40
N GLU A 199 12.15 15.19 1.73
CA GLU A 199 11.70 14.79 3.06
C GLU A 199 12.64 15.43 4.12
N LEU A 200 13.95 15.44 3.88
CA LEU A 200 14.86 16.08 4.83
C LEU A 200 14.88 17.63 4.83
N PHE A 201 14.85 18.25 3.64
CA PHE A 201 15.11 19.69 3.50
C PHE A 201 14.05 20.50 2.77
N SER A 202 12.80 20.09 2.89
CA SER A 202 11.71 20.78 2.23
C SER A 202 11.57 22.27 2.56
N GLY A 203 11.99 22.67 3.76
CA GLY A 203 11.82 24.06 4.21
C GLY A 203 12.58 24.98 3.31
N PHE A 204 13.67 24.45 2.75
CA PHE A 204 14.50 25.17 1.80
C PHE A 204 14.06 24.81 0.36
N LEU A 205 14.03 23.51 0.05
CA LEU A 205 13.82 23.06 -1.33
C LEU A 205 12.47 23.38 -1.93
N LYS A 206 11.49 23.70 -1.10
CA LYS A 206 10.18 24.06 -1.63
C LYS A 206 10.16 25.36 -2.42
N TYR A 207 11.24 26.14 -2.36
CA TYR A 207 11.32 27.46 -3.04
C TYR A 207 11.89 27.27 -4.42
N PHE A 208 12.42 26.08 -4.71
CA PHE A 208 13.02 25.75 -6.01
C PHE A 208 12.23 24.71 -6.83
N PRO A 209 12.45 24.68 -8.17
CA PRO A 209 11.88 23.62 -9.05
C PRO A 209 12.26 22.24 -8.53
N GLY A 210 11.40 21.24 -8.74
CA GLY A 210 11.78 19.86 -8.42
C GLY A 210 10.60 18.93 -8.55
N THR A 211 10.79 17.65 -8.22
CA THR A 211 9.71 16.67 -8.31
C THR A 211 8.49 17.11 -7.51
N HIS A 212 8.71 17.87 -6.44
CA HIS A 212 7.55 18.21 -5.58
C HIS A 212 6.54 19.05 -6.32
N ARG A 213 7.00 19.90 -7.26
CA ARG A 213 6.00 20.68 -8.08
C ARG A 213 5.23 19.81 -9.01
N GLN A 214 5.91 18.82 -9.57
CA GLN A 214 5.24 17.91 -10.51
C GLN A 214 4.22 17.01 -9.78
N ILE A 215 4.62 16.47 -8.62
CA ILE A 215 3.69 15.71 -7.74
C ILE A 215 2.49 16.58 -7.40
N TYR A 216 2.78 17.81 -7.01
CA TYR A 216 1.69 18.74 -6.67
C TYR A 216 0.72 18.93 -7.85
N ARG A 217 1.27 19.31 -9.02
CA ARG A 217 0.38 19.47 -10.21
C ARG A 217 -0.45 18.22 -10.59
N ASN A 218 0.19 17.07 -10.58
CA ASN A 218 -0.53 15.86 -10.91
C ASN A 218 -1.68 15.61 -9.95
N LEU A 219 -1.41 15.66 -8.65
CA LEU A 219 -2.43 15.33 -7.68
C LEU A 219 -3.52 16.39 -7.74
N GLN A 220 -3.19 17.66 -7.90
CA GLN A 220 -4.22 18.67 -8.01
C GLN A 220 -5.12 18.45 -9.22
N GLU A 221 -4.55 18.00 -10.31
CA GLU A 221 -5.37 17.70 -11.47
C GLU A 221 -6.32 16.52 -11.15
N ILE A 222 -5.84 15.51 -10.41
CA ILE A 222 -6.78 14.45 -9.96
C ILE A 222 -7.93 15.02 -9.05
N ASN A 223 -7.55 15.90 -8.13
CA ASN A 223 -8.52 16.56 -7.26
C ASN A 223 -9.58 17.30 -8.05
N THR A 224 -9.17 17.87 -9.18
CA THR A 224 -10.12 18.55 -10.06
C THR A 224 -11.17 17.60 -10.58
N PHE A 225 -10.73 16.50 -11.14
CA PHE A 225 -11.67 15.50 -11.57
C PHE A 225 -12.49 14.94 -10.44
N ILE A 226 -11.90 14.78 -9.27
CA ILE A 226 -12.71 14.25 -8.16
C ILE A 226 -13.81 15.29 -7.85
N GLY A 227 -13.41 16.55 -7.78
CA GLY A 227 -14.34 17.67 -7.50
C GLY A 227 -15.50 17.68 -8.50
N GLN A 228 -15.24 17.40 -9.78
CA GLN A 228 -16.28 17.37 -10.80
C GLN A 228 -17.26 16.22 -10.65
N SER A 229 -16.74 15.06 -10.25
CA SER A 229 -17.58 13.94 -9.95
C SER A 229 -18.43 14.20 -8.67
N VAL A 230 -17.87 14.81 -7.63
CA VAL A 230 -18.65 15.26 -6.50
C VAL A 230 -19.88 16.15 -6.90
N GLU A 231 -19.65 17.20 -7.67
CA GLU A 231 -20.74 18.04 -8.24
C GLU A 231 -21.76 17.19 -8.96
N LYS A 232 -21.27 16.27 -9.77
CA LYS A 232 -22.17 15.51 -10.58
C LYS A 232 -23.02 14.55 -9.71
N HIS A 233 -22.41 14.01 -8.67
CA HIS A 233 -23.10 13.14 -7.68
C HIS A 233 -24.20 13.93 -6.94
N ARG A 234 -23.82 15.10 -6.44
CA ARG A 234 -24.74 15.97 -5.75
C ARG A 234 -25.92 16.32 -6.66
N ALA A 235 -25.67 16.61 -7.92
CA ALA A 235 -26.77 16.99 -8.83
C ALA A 235 -27.79 15.89 -9.14
N THR A 236 -27.34 14.62 -9.06
CA THR A 236 -28.13 13.48 -9.43
C THR A 236 -28.47 12.60 -8.23
N LEU A 237 -28.25 13.10 -7.03
CA LEU A 237 -28.32 12.30 -5.82
C LEU A 237 -29.75 11.86 -5.55
N ASP A 238 -29.89 10.58 -5.19
CA ASP A 238 -31.13 10.05 -4.53
C ASP A 238 -30.82 9.72 -3.06
N PRO A 239 -31.30 10.55 -2.11
CA PRO A 239 -30.94 10.34 -0.70
C PRO A 239 -31.43 8.99 -0.16
N SER A 240 -32.36 8.35 -0.87
CA SER A 240 -32.90 7.07 -0.47
C SER A 240 -32.00 5.93 -0.91
N ASN A 241 -31.29 6.15 -2.02
CA ASN A 241 -30.52 5.09 -2.70
C ASN A 241 -29.07 5.51 -3.07
N PRO A 242 -28.24 5.82 -2.06
CA PRO A 242 -26.84 6.22 -2.30
C PRO A 242 -26.13 5.17 -3.11
N ARG A 243 -25.31 5.60 -4.07
CA ARG A 243 -24.66 4.71 -5.02
C ARG A 243 -23.25 4.28 -4.64
N ASP A 244 -22.59 5.02 -3.79
CA ASP A 244 -21.19 4.82 -3.60
C ASP A 244 -20.70 5.69 -2.49
N PHE A 245 -19.41 5.70 -2.31
CA PHE A 245 -18.81 6.37 -1.21
C PHE A 245 -19.14 7.83 -1.19
N ILE A 246 -19.06 8.48 -2.33
CA ILE A 246 -19.42 9.91 -2.43
C ILE A 246 -20.85 10.19 -2.04
N ASP A 247 -21.82 9.49 -2.58
CA ASP A 247 -23.21 9.62 -2.10
C ASP A 247 -23.36 9.53 -0.59
N VAL A 248 -22.74 8.52 0.04
CA VAL A 248 -22.89 8.32 1.46
C VAL A 248 -22.27 9.45 2.19
N TYR A 249 -21.13 9.92 1.70
CA TYR A 249 -20.52 11.03 2.40
C TYR A 249 -21.38 12.32 2.31
N LEU A 250 -22.04 12.53 1.18
CA LEU A 250 -22.85 13.78 0.97
C LEU A 250 -24.04 13.80 1.93
N LEU A 251 -24.58 12.61 2.20
CA LEU A 251 -25.67 12.45 3.18
C LEU A 251 -25.19 12.69 4.61
N ARG A 252 -23.96 12.32 4.92
CA ARG A 252 -23.38 12.68 6.18
C ARG A 252 -23.14 14.21 6.37
N MET A 253 -22.67 14.89 5.32
CA MET A 253 -22.53 16.34 5.31
C MET A 253 -23.86 17.00 5.67
N GLU A 254 -24.95 16.58 5.01
CA GLU A 254 -26.26 17.11 5.29
C GLU A 254 -26.70 16.82 6.76
N LYS A 255 -26.51 15.59 7.21
CA LYS A 255 -26.81 15.18 8.57
C LYS A 255 -26.10 16.05 9.60
N ASP A 256 -24.82 16.34 9.37
CA ASP A 256 -24.02 17.18 10.26
C ASP A 256 -24.09 18.67 9.96
N LYS A 257 -24.97 19.13 9.06
CA LYS A 257 -24.92 20.57 8.65
C LYS A 257 -25.06 21.64 9.77
N SER A 258 -25.65 21.25 10.90
CA SER A 258 -25.86 22.13 12.05
C SER A 258 -24.73 22.04 13.06
N ASP A 259 -23.78 21.13 12.82
CA ASP A 259 -22.63 21.04 13.67
C ASP A 259 -21.41 21.67 12.98
N PRO A 260 -20.99 22.86 13.42
CA PRO A 260 -19.88 23.54 12.69
C PRO A 260 -18.51 22.94 13.05
N SER A 261 -18.49 22.14 14.12
CA SER A 261 -17.32 21.38 14.53
C SER A 261 -17.11 20.05 13.73
N SER A 262 -18.12 19.66 12.94
CA SER A 262 -18.11 18.39 12.19
C SER A 262 -16.96 18.34 11.18
N GLU A 263 -16.38 17.16 11.00
CA GLU A 263 -15.30 16.96 10.05
C GLU A 263 -15.81 16.68 8.64
N PHE A 264 -17.12 16.43 8.51
CA PHE A 264 -17.66 16.12 7.21
C PHE A 264 -17.96 17.34 6.33
N HIS A 265 -16.91 17.89 5.77
CA HIS A 265 -17.01 19.01 4.86
C HIS A 265 -16.29 18.66 3.53
N HIS A 266 -16.34 19.60 2.60
CA HIS A 266 -15.90 19.38 1.27
C HIS A 266 -14.41 19.02 1.17
N GLN A 267 -13.54 19.69 1.91
CA GLN A 267 -12.12 19.43 1.84
C GLN A 267 -11.76 17.99 2.28
N ASN A 268 -12.34 17.53 3.39
CA ASN A 268 -12.25 16.13 3.78
C ASN A 268 -12.79 15.17 2.79
N LEU A 269 -13.78 15.57 2.05
CA LEU A 269 -14.30 14.66 1.06
C LEU A 269 -13.34 14.47 -0.13
N ILE A 270 -12.86 15.58 -0.69
CA ILE A 270 -11.93 15.57 -1.88
C ILE A 270 -10.69 14.72 -1.45
N LEU A 271 -10.11 15.06 -0.31
CA LEU A 271 -8.88 14.50 0.19
C LEU A 271 -9.02 13.06 0.73
N THR A 272 -10.23 12.66 1.16
CA THR A 272 -10.48 11.26 1.52
C THR A 272 -10.59 10.42 0.27
N VAL A 273 -11.27 10.94 -0.76
CA VAL A 273 -11.36 10.19 -2.02
C VAL A 273 -9.95 10.00 -2.60
N LEU A 274 -9.17 11.05 -2.52
CA LEU A 274 -7.83 11.06 -3.09
C LEU A 274 -6.95 10.07 -2.29
N SER A 275 -7.12 10.07 -0.97
CA SER A 275 -6.43 9.11 -0.11
C SER A 275 -6.63 7.63 -0.49
N LEU A 276 -7.86 7.22 -0.84
CA LEU A 276 -8.18 5.86 -1.15
C LEU A 276 -7.43 5.44 -2.40
N PHE A 277 -7.47 6.30 -3.45
CA PHE A 277 -6.63 6.04 -4.67
C PHE A 277 -5.14 6.06 -4.33
N PHE A 278 -4.75 7.00 -3.48
CA PHE A 278 -3.35 7.17 -3.15
C PHE A 278 -2.73 5.90 -2.45
N ALA A 279 -3.45 5.35 -1.47
CA ALA A 279 -3.04 4.20 -0.67
C ALA A 279 -3.43 2.92 -1.35
N GLY A 280 -4.55 2.89 -2.06
CA GLY A 280 -5.19 1.62 -2.48
C GLY A 280 -4.88 1.13 -3.90
N THR A 281 -4.04 1.84 -4.65
CA THR A 281 -3.82 1.49 -6.04
C THR A 281 -2.45 0.88 -6.36
N GLU A 282 -1.40 1.61 -6.01
CA GLU A 282 -0.06 1.29 -6.40
C GLU A 282 0.49 0.12 -5.61
N THR A 283 0.34 0.12 -4.30
CA THR A 283 0.79 -1.02 -3.51
C THR A 283 0.18 -2.33 -4.03
N THR A 284 -1.15 -2.39 -4.19
CA THR A 284 -1.80 -3.55 -4.67
C THR A 284 -1.31 -3.99 -6.08
N SER A 285 -1.26 -3.02 -6.98
CA SER A 285 -0.80 -3.28 -8.34
C SER A 285 0.62 -3.83 -8.43
N THR A 286 1.55 -3.21 -7.75
CA THR A 286 2.97 -3.67 -7.72
C THR A 286 3.12 -5.02 -7.02
N THR A 287 2.23 -5.32 -6.06
CA THR A 287 2.29 -6.63 -5.40
C THR A 287 1.94 -7.67 -6.45
N LEU A 288 0.91 -7.40 -7.24
CA LEU A 288 0.54 -8.34 -8.24
C LEU A 288 1.67 -8.50 -9.26
N ARG A 289 2.29 -7.39 -9.62
CA ARG A 289 3.34 -7.47 -10.63
C ARG A 289 4.56 -8.21 -10.12
N TYR A 290 4.95 -7.94 -8.89
CA TYR A 290 6.01 -8.70 -8.22
C TYR A 290 5.69 -10.21 -8.14
N GLY A 291 4.43 -10.51 -7.79
CA GLY A 291 3.94 -11.84 -7.66
C GLY A 291 4.18 -12.58 -8.99
N PHE A 292 3.83 -11.95 -10.10
CA PHE A 292 3.95 -12.67 -11.37
C PHE A 292 5.41 -12.85 -11.77
N LEU A 293 6.26 -11.89 -11.38
CA LEU A 293 7.71 -12.05 -11.55
C LEU A 293 8.27 -13.26 -10.73
N LEU A 294 7.84 -13.41 -9.47
CA LEU A 294 8.22 -14.60 -8.73
C LEU A 294 7.64 -15.87 -9.36
N MET A 295 6.42 -15.81 -9.88
CA MET A 295 5.84 -17.00 -10.47
C MET A 295 6.56 -17.47 -11.78
N LEU A 296 7.15 -16.50 -12.48
CA LEU A 296 8.01 -16.83 -13.67
C LEU A 296 9.35 -17.39 -13.19
N LYS A 297 9.88 -16.82 -12.10
CA LYS A 297 11.17 -17.29 -11.57
C LYS A 297 11.09 -18.73 -10.99
N TYR A 298 9.93 -19.09 -10.43
CA TYR A 298 9.72 -20.36 -9.73
C TYR A 298 8.53 -21.13 -10.27
N PRO A 299 8.68 -21.74 -11.47
CA PRO A 299 7.57 -22.47 -12.11
C PRO A 299 6.99 -23.59 -11.28
N HIS A 300 7.80 -24.20 -10.42
CA HIS A 300 7.28 -25.27 -9.60
C HIS A 300 6.22 -24.75 -8.62
N VAL A 301 6.42 -23.56 -8.06
CA VAL A 301 5.40 -22.98 -7.18
C VAL A 301 4.12 -22.74 -7.96
N THR A 302 4.27 -22.10 -9.12
CA THR A 302 3.10 -21.71 -9.89
C THR A 302 2.34 -22.96 -10.31
N GLU A 303 3.10 -24.00 -10.72
CA GLU A 303 2.48 -25.35 -10.98
C GLU A 303 1.69 -25.87 -9.75
N ARG A 304 2.25 -25.75 -8.57
CA ARG A 304 1.50 -26.21 -7.37
C ARG A 304 0.28 -25.35 -7.10
N VAL A 305 0.41 -24.04 -7.33
CA VAL A 305 -0.78 -23.19 -7.20
C VAL A 305 -1.85 -23.61 -8.19
N GLN A 306 -1.50 -23.82 -9.46
CA GLN A 306 -2.57 -24.26 -10.43
C GLN A 306 -3.13 -25.65 -10.11
N LYS A 307 -2.28 -26.54 -9.56
CA LYS A 307 -2.82 -27.82 -9.08
C LYS A 307 -3.83 -27.62 -7.94
N GLU A 308 -3.51 -26.77 -6.97
CA GLU A 308 -4.45 -26.49 -5.90
C GLU A 308 -5.71 -25.77 -6.46
N ILE A 309 -5.51 -24.82 -7.38
CA ILE A 309 -6.73 -24.26 -8.03
C ILE A 309 -7.62 -25.37 -8.65
N GLU A 310 -7.04 -26.26 -9.45
CA GLU A 310 -7.80 -27.33 -10.10
C GLU A 310 -8.58 -28.21 -9.08
N GLN A 311 -7.92 -28.57 -7.98
CA GLN A 311 -8.53 -29.46 -6.93
C GLN A 311 -9.69 -28.80 -6.22
N VAL A 312 -9.51 -27.55 -5.85
CA VAL A 312 -10.48 -26.88 -5.03
C VAL A 312 -11.55 -26.21 -5.89
N ILE A 313 -11.14 -25.55 -6.99
CA ILE A 313 -12.08 -24.69 -7.72
C ILE A 313 -12.47 -25.39 -8.96
N GLY A 314 -11.54 -26.03 -9.63
CA GLY A 314 -11.84 -26.62 -10.89
C GLY A 314 -11.50 -25.60 -11.98
N SER A 315 -11.97 -25.86 -13.19
CA SER A 315 -11.62 -25.04 -14.33
C SER A 315 -12.86 -24.32 -14.87
N HIS A 316 -14.02 -24.50 -14.26
CA HIS A 316 -15.19 -23.84 -14.82
C HIS A 316 -15.60 -22.63 -14.01
N ARG A 317 -15.94 -22.80 -12.75
CA ARG A 317 -16.40 -21.64 -12.03
C ARG A 317 -15.27 -20.65 -11.62
N PRO A 318 -15.60 -19.37 -11.53
CA PRO A 318 -14.66 -18.35 -11.07
C PRO A 318 -14.26 -18.55 -9.60
N PRO A 319 -12.99 -18.24 -9.26
CA PRO A 319 -12.64 -18.29 -7.85
C PRO A 319 -13.54 -17.36 -7.06
N ALA A 320 -13.80 -17.74 -5.82
CA ALA A 320 -14.52 -16.91 -4.90
C ALA A 320 -13.71 -16.83 -3.61
N LEU A 321 -13.90 -15.79 -2.83
CA LEU A 321 -13.12 -15.62 -1.61
C LEU A 321 -13.21 -16.79 -0.58
N ASP A 322 -14.37 -17.48 -0.53
CA ASP A 322 -14.56 -18.64 0.33
C ASP A 322 -13.56 -19.71 -0.08
N ASP A 323 -13.09 -19.66 -1.32
CA ASP A 323 -12.09 -20.66 -1.77
C ASP A 323 -10.78 -20.59 -0.99
N ARG A 324 -10.45 -19.40 -0.52
CA ARG A 324 -9.16 -19.19 0.08
C ARG A 324 -8.92 -20.09 1.31
N ALA A 325 -9.93 -20.20 2.17
CA ALA A 325 -9.88 -21.09 3.37
C ALA A 325 -9.49 -22.55 2.99
N LYS A 326 -9.85 -22.98 1.79
CA LYS A 326 -9.49 -24.34 1.31
C LYS A 326 -8.21 -24.43 0.52
N MET A 327 -7.43 -23.33 0.47
CA MET A 327 -6.25 -23.29 -0.40
C MET A 327 -5.04 -22.74 0.31
N PRO A 328 -4.56 -23.48 1.32
CA PRO A 328 -3.52 -22.94 2.17
C PRO A 328 -2.24 -22.73 1.40
N TYR A 329 -1.99 -23.55 0.39
CA TYR A 329 -0.74 -23.43 -0.30
C TYR A 329 -0.76 -22.08 -1.07
N THR A 330 -1.80 -21.85 -1.83
CA THR A 330 -1.91 -20.58 -2.57
C THR A 330 -1.87 -19.40 -1.58
N ASP A 331 -2.61 -19.53 -0.45
CA ASP A 331 -2.63 -18.47 0.58
C ASP A 331 -1.25 -18.19 1.07
N ALA A 332 -0.50 -19.26 1.22
CA ALA A 332 0.87 -19.10 1.77
C ALA A 332 1.80 -18.47 0.70
N VAL A 333 1.62 -18.88 -0.56
CA VAL A 333 2.35 -18.21 -1.66
C VAL A 333 2.08 -16.66 -1.64
N ILE A 334 0.82 -16.28 -1.54
CA ILE A 334 0.49 -14.85 -1.46
C ILE A 334 1.12 -14.13 -0.31
N HIS A 335 1.09 -14.75 0.88
CA HIS A 335 1.76 -14.14 2.03
C HIS A 335 3.24 -13.93 1.71
N GLU A 336 3.88 -14.94 1.12
CA GLU A 336 5.33 -14.85 0.83
C GLU A 336 5.67 -13.80 -0.28
N ILE A 337 4.80 -13.67 -1.26
CA ILE A 337 4.90 -12.56 -2.29
C ILE A 337 4.87 -11.17 -1.59
N GLN A 338 3.91 -10.99 -0.68
CA GLN A 338 3.88 -9.71 0.08
C GLN A 338 5.08 -9.51 0.96
N ARG A 339 5.59 -10.60 1.53
CA ARG A 339 6.69 -10.47 2.53
C ARG A 339 7.97 -10.05 1.82
N LEU A 340 8.27 -10.81 0.77
CA LEU A 340 9.48 -10.58 0.00
C LEU A 340 9.36 -9.29 -0.83
N GLY A 341 8.17 -9.04 -1.34
CA GLY A 341 7.84 -7.75 -2.00
C GLY A 341 8.19 -6.55 -1.16
N ASP A 342 7.82 -6.60 0.13
CA ASP A 342 8.20 -5.54 1.03
C ASP A 342 7.95 -4.13 0.42
N LEU A 343 6.74 -3.86 0.00
CA LEU A 343 6.46 -2.71 -0.86
C LEU A 343 6.49 -1.38 -0.12
N ILE A 344 6.42 -1.44 1.24
CA ILE A 344 6.46 -0.17 2.00
C ILE A 344 7.50 -0.42 3.07
N PRO A 345 8.78 -0.36 2.69
CA PRO A 345 9.77 -0.97 3.57
C PRO A 345 10.11 -0.19 4.84
N PHE A 346 9.94 1.12 4.87
CA PHE A 346 10.16 1.78 6.12
C PHE A 346 8.90 2.32 6.69
N GLY A 347 7.76 1.71 6.38
CA GLY A 347 6.47 2.15 6.85
C GLY A 347 5.99 3.51 6.33
N VAL A 348 4.85 3.94 6.87
CA VAL A 348 4.32 5.28 6.72
C VAL A 348 4.51 5.97 8.11
N PRO A 349 5.06 7.20 8.14
CA PRO A 349 5.41 7.83 9.43
C PRO A 349 4.23 7.88 10.37
N HIS A 350 4.52 7.63 11.64
CA HIS A 350 3.56 7.84 12.72
C HIS A 350 4.12 8.99 13.50
N THR A 351 3.33 9.44 14.47
CA THR A 351 3.85 10.22 15.62
C THR A 351 3.24 9.63 16.94
N VAL A 352 3.92 9.88 18.08
CA VAL A 352 3.29 9.61 19.38
C VAL A 352 2.33 10.74 19.73
N THR A 353 1.17 10.37 20.23
CA THR A 353 0.14 11.30 20.56
C THR A 353 0.28 11.95 21.94
N LYS A 354 1.32 11.60 22.68
CA LYS A 354 1.61 12.14 23.99
C LYS A 354 3.02 11.77 24.37
N ASP A 355 3.53 12.33 25.46
CA ASP A 355 4.83 11.93 25.95
C ASP A 355 4.77 10.44 26.24
N THR A 356 5.74 9.68 25.76
CA THR A 356 5.59 8.23 25.75
C THR A 356 6.84 7.55 26.31
N GLN A 357 6.63 6.61 27.23
CA GLN A 357 7.72 5.79 27.76
C GLN A 357 7.77 4.59 26.86
N PHE A 358 8.97 4.31 26.36
CA PHE A 358 9.11 3.18 25.46
C PHE A 358 10.50 2.59 25.66
N ARG A 359 10.56 1.30 25.99
CA ARG A 359 11.83 0.62 26.35
C ARG A 359 12.80 1.35 27.23
N GLY A 360 12.28 2.21 28.11
CA GLY A 360 13.16 3.03 28.93
C GLY A 360 13.64 4.34 28.35
N TYR A 361 12.97 4.81 27.29
CA TYR A 361 13.28 6.10 26.69
C TYR A 361 12.04 6.91 26.84
N VAL A 362 12.17 8.22 26.71
CA VAL A 362 10.97 9.02 26.64
C VAL A 362 10.88 9.65 25.25
N ILE A 363 9.72 9.50 24.64
CA ILE A 363 9.47 10.09 23.32
C ILE A 363 8.46 11.22 23.45
N PRO A 364 8.88 12.48 23.24
CA PRO A 364 7.96 13.59 23.42
C PRO A 364 6.76 13.58 22.47
N LYS A 365 5.62 14.07 22.94
CA LYS A 365 4.43 14.21 22.14
C LYS A 365 4.75 14.73 20.72
N ASN A 366 4.11 14.13 19.71
CA ASN A 366 4.27 14.56 18.34
C ASN A 366 5.61 14.28 17.67
N THR A 367 6.51 13.56 18.36
CA THR A 367 7.72 13.09 17.69
C THR A 367 7.32 12.06 16.63
N GLU A 368 7.97 12.16 15.48
CA GLU A 368 7.77 11.22 14.37
C GLU A 368 8.41 9.85 14.61
N VAL A 369 7.72 8.80 14.21
CA VAL A 369 8.23 7.45 14.41
C VAL A 369 8.09 6.65 13.11
N PHE A 370 9.16 5.98 12.66
CA PHE A 370 9.02 5.10 11.51
C PHE A 370 9.08 3.64 11.95
N PRO A 371 8.00 2.87 11.75
CA PRO A 371 8.05 1.44 11.88
C PRO A 371 8.61 0.82 10.55
N VAL A 372 9.82 0.28 10.65
CA VAL A 372 10.56 -0.22 9.51
C VAL A 372 10.09 -1.63 9.23
N LEU A 373 8.96 -1.71 8.54
CA LEU A 373 8.29 -2.97 8.33
C LEU A 373 9.19 -4.02 7.62
N SER A 374 10.15 -3.55 6.80
CA SER A 374 11.06 -4.46 6.13
C SER A 374 11.80 -5.35 7.13
N SER A 375 12.19 -4.76 8.25
CA SER A 375 13.03 -5.44 9.22
C SER A 375 12.15 -6.47 9.97
N ALA A 376 10.83 -6.35 9.93
CA ALA A 376 9.97 -7.40 10.49
C ALA A 376 9.80 -8.51 9.43
N LEU A 377 9.58 -8.07 8.19
CA LEU A 377 9.32 -8.97 7.07
C LEU A 377 10.46 -9.90 6.79
N HIS A 378 11.68 -9.45 7.12
CA HIS A 378 12.96 -10.21 6.99
C HIS A 378 13.55 -10.65 8.36
N ASP A 379 12.71 -10.61 9.40
CA ASP A 379 13.17 -10.97 10.76
C ASP A 379 13.59 -12.47 10.86
N PRO A 380 14.87 -12.75 11.09
CA PRO A 380 15.30 -14.16 11.19
C PRO A 380 14.74 -14.91 12.41
N ARG A 381 14.15 -14.23 13.39
CA ARG A 381 13.45 -14.98 14.43
C ARG A 381 12.21 -15.65 13.84
N TYR A 382 11.53 -15.04 12.86
CA TYR A 382 10.26 -15.53 12.43
C TYR A 382 10.29 -16.23 11.06
N PHE A 383 11.34 -16.03 10.29
CA PHE A 383 11.44 -16.56 8.93
C PHE A 383 12.76 -17.28 8.80
N GLU A 384 12.71 -18.60 8.60
CA GLU A 384 13.91 -19.39 8.49
C GLU A 384 14.85 -18.90 7.42
N THR A 385 14.33 -18.59 6.21
CA THR A 385 15.19 -18.15 5.11
C THR A 385 14.68 -16.79 4.65
N PRO A 386 14.97 -15.74 5.42
CA PRO A 386 14.30 -14.46 5.18
C PRO A 386 14.55 -13.80 3.79
N ASN A 387 15.65 -14.14 3.13
CA ASN A 387 15.96 -13.56 1.82
C ASN A 387 15.62 -14.47 0.68
N THR A 388 14.94 -15.57 0.93
CA THR A 388 14.61 -16.53 -0.10
C THR A 388 13.13 -16.82 -0.15
N PHE A 389 12.55 -16.83 -1.35
CA PHE A 389 11.17 -17.13 -1.53
C PHE A 389 10.83 -18.50 -0.98
N ASN A 390 9.93 -18.57 -0.01
CA ASN A 390 9.69 -19.83 0.70
C ASN A 390 8.27 -19.89 1.30
N PRO A 391 7.35 -20.42 0.54
CA PRO A 391 5.97 -20.54 1.05
C PRO A 391 5.87 -21.34 2.35
N GLY A 392 6.86 -22.21 2.61
CA GLY A 392 6.90 -22.99 3.87
C GLY A 392 6.98 -22.03 5.06
N HIS A 393 7.44 -20.79 4.87
CA HIS A 393 7.37 -19.83 5.98
C HIS A 393 5.96 -19.70 6.56
N PHE A 394 4.94 -20.06 5.77
CA PHE A 394 3.55 -19.86 6.21
C PHE A 394 2.75 -21.11 6.26
N LEU A 395 3.44 -22.24 6.22
CA LEU A 395 2.77 -23.56 6.25
C LEU A 395 3.28 -24.41 7.44
N ASP A 396 2.36 -25.13 8.07
CA ASP A 396 2.78 -25.99 9.17
C ASP A 396 3.08 -27.40 8.66
N ALA A 397 3.37 -28.32 9.59
CA ALA A 397 3.79 -29.67 9.22
C ALA A 397 2.67 -30.43 8.57
N ASN A 398 1.43 -30.03 8.81
CA ASN A 398 0.28 -30.59 8.07
C ASN A 398 -0.05 -29.90 6.73
N GLY A 399 0.78 -28.93 6.30
CA GLY A 399 0.40 -28.16 5.08
C GLY A 399 -0.74 -27.15 5.33
N ALA A 400 -1.09 -26.86 6.59
CA ALA A 400 -2.13 -25.88 6.86
C ALA A 400 -1.45 -24.51 7.00
N LEU A 401 -2.23 -23.45 6.80
CA LEU A 401 -1.68 -22.10 6.77
C LEU A 401 -1.27 -21.83 8.17
N LYS A 402 -0.15 -21.17 8.40
CA LYS A 402 0.11 -20.75 9.79
C LYS A 402 0.41 -19.27 9.89
N ARG A 403 -0.18 -18.62 10.87
CA ARG A 403 0.10 -17.24 11.20
C ARG A 403 1.55 -17.07 11.52
N ASN A 404 2.09 -15.93 11.17
CA ASN A 404 3.46 -15.64 11.47
C ASN A 404 3.56 -14.22 12.06
N GLU A 405 4.20 -14.11 13.20
CA GLU A 405 4.20 -12.83 13.87
C GLU A 405 5.02 -11.76 13.13
N GLY A 406 5.97 -12.17 12.31
CA GLY A 406 6.77 -11.18 11.54
C GLY A 406 5.97 -10.67 10.35
N PHE A 407 4.85 -11.28 10.03
CA PHE A 407 4.09 -10.87 8.85
C PHE A 407 3.25 -9.60 9.07
N MET A 408 3.78 -8.42 8.73
CA MET A 408 3.05 -7.18 8.96
C MET A 408 3.18 -6.22 7.74
N PRO A 409 2.89 -6.69 6.55
CA PRO A 409 2.96 -5.81 5.39
C PRO A 409 1.95 -4.67 5.40
N PHE A 410 0.87 -4.81 6.14
CA PHE A 410 -0.13 -3.79 6.26
C PHE A 410 0.07 -3.01 7.53
N SER A 411 1.20 -3.17 8.16
CA SER A 411 1.41 -2.60 9.47
C SER A 411 0.50 -3.23 10.54
N LEU A 412 0.40 -2.61 11.68
CA LEU A 412 -0.34 -3.11 12.84
C LEU A 412 -0.89 -1.99 13.67
N GLY A 413 -1.87 -2.31 14.50
CA GLY A 413 -2.33 -1.41 15.54
C GLY A 413 -3.46 -0.56 14.98
N LYS A 414 -3.59 0.66 15.50
CA LYS A 414 -4.81 1.43 15.18
C LYS A 414 -4.77 2.04 13.74
N ARG A 415 -3.58 2.26 13.23
CA ARG A 415 -3.40 2.77 11.90
C ARG A 415 -3.21 1.68 10.88
N ILE A 416 -3.40 0.43 11.26
CA ILE A 416 -3.27 -0.67 10.35
C ILE A 416 -4.01 -0.37 9.08
N CYS A 417 -3.49 -0.86 7.99
CA CYS A 417 -4.10 -0.60 6.70
C CYS A 417 -5.62 -0.73 6.78
N LEU A 418 -6.26 0.32 6.33
CA LEU A 418 -7.68 0.44 6.23
C LEU A 418 -8.23 -0.43 5.14
N GLY A 419 -7.47 -0.63 4.09
CA GLY A 419 -7.91 -1.48 3.01
C GLY A 419 -7.43 -2.91 3.03
N GLU A 420 -6.86 -3.34 4.13
CA GLU A 420 -6.25 -4.71 4.24
C GLU A 420 -7.19 -5.78 3.66
N GLY A 421 -8.44 -5.78 4.08
CA GLY A 421 -9.42 -6.80 3.67
C GLY A 421 -9.64 -6.79 2.16
N ILE A 422 -9.72 -5.57 1.62
CA ILE A 422 -9.94 -5.42 0.19
C ILE A 422 -8.72 -5.82 -0.59
N ALA A 423 -7.56 -5.38 -0.14
CA ALA A 423 -6.33 -5.66 -0.86
C ALA A 423 -6.07 -7.20 -0.92
N ARG A 424 -6.26 -7.87 0.20
CA ARG A 424 -6.14 -9.31 0.24
C ARG A 424 -7.14 -10.01 -0.63
N THR A 425 -8.37 -9.52 -0.70
CA THR A 425 -9.33 -10.09 -1.61
C THR A 425 -8.88 -9.87 -3.08
N GLU A 426 -8.33 -8.69 -3.41
CA GLU A 426 -7.79 -8.47 -4.78
C GLU A 426 -6.67 -9.44 -5.07
N LEU A 427 -5.74 -9.54 -4.15
CA LEU A 427 -4.62 -10.41 -4.40
C LEU A 427 -5.11 -11.83 -4.68
N PHE A 428 -5.97 -12.34 -3.79
CA PHE A 428 -6.39 -13.75 -3.93
C PHE A 428 -7.13 -13.96 -5.25
N LEU A 429 -8.15 -13.13 -5.51
CA LEU A 429 -8.99 -13.39 -6.70
C LEU A 429 -8.27 -13.06 -8.00
N PHE A 430 -7.43 -12.02 -8.02
CA PHE A 430 -6.69 -11.79 -9.30
C PHE A 430 -5.61 -12.87 -9.56
N PHE A 431 -4.79 -13.23 -8.55
CA PHE A 431 -3.81 -14.33 -8.76
C PHE A 431 -4.50 -15.58 -9.21
N THR A 432 -5.55 -16.00 -8.51
CA THR A 432 -6.15 -17.27 -8.83
C THR A 432 -7.00 -17.21 -10.05
N THR A 433 -7.76 -16.12 -10.27
CA THR A 433 -8.52 -16.06 -11.55
C THR A 433 -7.57 -16.04 -12.78
N ILE A 434 -6.49 -15.29 -12.73
CA ILE A 434 -5.54 -15.35 -13.85
C ILE A 434 -4.92 -16.79 -14.04
N LEU A 435 -4.37 -17.37 -12.96
CA LEU A 435 -3.69 -18.68 -13.09
C LEU A 435 -4.66 -19.79 -13.43
N GLN A 436 -5.94 -19.63 -13.11
CA GLN A 436 -6.90 -20.65 -13.56
C GLN A 436 -7.01 -20.74 -15.11
N ASN A 437 -6.87 -19.57 -15.74
CA ASN A 437 -7.22 -19.42 -17.15
C ASN A 437 -5.97 -19.44 -17.97
N PHE A 438 -4.85 -19.10 -17.34
CA PHE A 438 -3.60 -18.95 -18.07
C PHE A 438 -2.40 -19.58 -17.37
N SER A 439 -1.50 -20.11 -18.20
CA SER A 439 -0.15 -20.41 -17.81
C SER A 439 0.77 -19.30 -18.31
N ILE A 440 2.02 -19.28 -17.87
CA ILE A 440 2.86 -18.15 -18.13
C ILE A 440 4.25 -18.55 -18.59
N ALA A 441 4.84 -17.68 -19.37
CA ALA A 441 6.15 -17.83 -19.87
C ALA A 441 6.68 -16.47 -20.13
N SER A 442 7.99 -16.38 -20.28
CA SER A 442 8.69 -15.14 -20.57
C SER A 442 10.01 -15.47 -21.24
N PRO A 443 10.57 -14.48 -21.92
CA PRO A 443 11.81 -14.65 -22.67
C PRO A 443 13.01 -14.83 -21.80
N VAL A 444 12.90 -14.41 -20.55
CA VAL A 444 14.04 -14.52 -19.62
C VAL A 444 13.91 -15.85 -18.82
N PRO A 445 14.90 -16.72 -18.94
CA PRO A 445 14.83 -17.99 -18.24
C PRO A 445 14.78 -17.73 -16.73
N PRO A 446 14.11 -18.63 -15.94
CA PRO A 446 13.94 -18.43 -14.46
C PRO A 446 15.23 -18.03 -13.79
N GLU A 447 16.29 -18.73 -14.12
CA GLU A 447 17.62 -18.57 -13.57
C GLU A 447 18.21 -17.18 -13.71
N ASP A 448 17.87 -16.48 -14.76
CA ASP A 448 18.36 -15.13 -14.98
C ASP A 448 17.38 -14.06 -14.56
N ILE A 449 16.25 -14.45 -13.99
CA ILE A 449 15.30 -13.43 -13.53
C ILE A 449 15.83 -12.76 -12.26
N ASP A 450 15.90 -11.45 -12.27
CA ASP A 450 16.51 -10.76 -11.16
C ASP A 450 15.42 -10.07 -10.36
N LEU A 451 15.35 -10.38 -9.06
CA LEU A 451 14.23 -9.88 -8.23
C LEU A 451 14.52 -8.57 -7.45
N THR A 452 15.75 -8.08 -7.49
CA THR A 452 16.14 -6.86 -6.76
C THR A 452 15.40 -5.60 -7.29
N PRO A 453 14.85 -4.78 -6.36
CA PRO A 453 14.17 -3.57 -6.83
C PRO A 453 15.19 -2.60 -7.39
N SER A 456 13.46 1.78 -6.26
CA SER A 456 12.87 2.21 -5.00
C SER A 456 13.66 3.33 -4.33
N GLY A 457 13.47 3.47 -3.01
CA GLY A 457 12.64 2.53 -2.27
C GLY A 457 11.83 3.00 -1.05
N VAL A 458 11.20 4.17 -1.15
CA VAL A 458 10.22 4.57 -0.15
C VAL A 458 9.10 3.59 -0.40
N GLY A 459 9.30 2.85 -1.48
CA GLY A 459 8.42 1.79 -1.95
C GLY A 459 9.20 1.03 -3.02
N ASN A 460 9.41 -0.26 -2.79
CA ASN A 460 10.32 -1.05 -3.59
C ASN A 460 9.58 -1.30 -4.89
N VAL A 461 10.24 -1.10 -6.02
CA VAL A 461 9.60 -1.35 -7.29
C VAL A 461 10.38 -2.35 -8.06
N PRO A 462 9.73 -3.43 -8.38
CA PRO A 462 10.29 -4.48 -9.20
C PRO A 462 10.65 -4.00 -10.56
N PRO A 463 11.58 -4.68 -11.18
CA PRO A 463 11.97 -4.39 -12.54
C PRO A 463 10.78 -4.57 -13.48
N SER A 464 10.88 -3.98 -14.64
CA SER A 464 9.83 -4.19 -15.61
C SER A 464 10.20 -5.44 -16.37
N TYR A 465 9.22 -6.13 -16.91
CA TYR A 465 9.44 -7.41 -17.54
C TYR A 465 8.34 -7.75 -18.54
N GLN A 466 8.59 -8.73 -19.38
CA GLN A 466 7.61 -9.16 -20.36
C GLN A 466 7.06 -10.52 -20.01
N ILE A 467 5.81 -10.79 -20.31
CA ILE A 467 5.22 -12.03 -19.90
C ILE A 467 4.25 -12.40 -21.00
N ARG A 468 4.00 -13.67 -21.17
CA ARG A 468 2.90 -14.15 -21.95
C ARG A 468 1.93 -14.88 -21.07
N PHE A 469 0.66 -14.62 -21.29
CA PHE A 469 -0.40 -15.38 -20.72
C PHE A 469 -0.95 -16.31 -21.76
N LEU A 470 -0.77 -17.60 -21.52
CA LEU A 470 -1.10 -18.65 -22.44
C LEU A 470 -2.38 -19.36 -22.02
N ALA A 471 -3.43 -19.18 -22.78
CA ALA A 471 -4.70 -19.72 -22.38
C ALA A 471 -4.66 -21.20 -22.29
N ARG A 472 -5.23 -21.74 -21.24
CA ARG A 472 -5.27 -23.15 -21.03
C ARG A 472 -6.59 -23.71 -21.55
N HIS A 473 -6.76 -25.00 -21.45
CA HIS A 473 -8.12 -25.53 -21.40
C HIS A 473 -8.86 -25.02 -20.17
CHA HEM B . -2.34 2.61 5.35
CHB HEM B . -0.22 -1.23 3.15
CHC HEM B . -3.68 -1.61 -0.17
CHD HEM B . -5.98 2.00 2.20
C1A HEM B . -1.49 1.60 4.96
C2A HEM B . -0.21 1.39 5.58
C3A HEM B . 0.38 0.35 4.98
C4A HEM B . -0.51 -0.14 3.96
CMA HEM B . 1.79 -0.19 5.32
CAA HEM B . 0.34 2.27 6.76
CBA HEM B . -0.29 1.84 8.12
CGA HEM B . 0.42 2.71 9.17
O1A HEM B . 0.21 3.97 9.21
O2A HEM B . 1.30 2.22 9.93
C1B HEM B . -0.93 -1.71 2.06
C2B HEM B . -0.63 -2.84 1.18
C3B HEM B . -1.62 -2.98 0.27
C4B HEM B . -2.50 -1.87 0.48
CMB HEM B . 0.61 -3.72 1.48
CAB HEM B . -1.81 -3.93 -0.95
CBB HEM B . -1.12 -5.10 -1.09
C1C HEM B . -4.62 -0.71 0.28
C2C HEM B . -5.96 -0.54 -0.27
C3C HEM B . -6.58 0.41 0.43
C4C HEM B . -5.65 0.96 1.36
CMC HEM B . -6.53 -1.42 -1.39
CAC HEM B . -8.00 0.99 0.26
CBC HEM B . -8.90 0.31 -0.44
C1D HEM B . -5.18 2.56 3.17
C2D HEM B . -5.54 3.75 3.90
C3D HEM B . -4.42 3.98 4.90
C4D HEM B . -3.50 2.84 4.67
CMD HEM B . -6.80 4.61 3.65
CAD HEM B . -4.25 5.06 5.98
CBD HEM B . -4.77 4.32 7.28
CGD HEM B . -4.87 5.29 8.42
O1D HEM B . -5.75 5.08 9.33
O2D HEM B . -4.04 6.25 8.44
NA HEM B . -1.70 0.61 4.01
NB HEM B . -2.09 -1.19 1.60
NC HEM B . -4.48 0.18 1.36
ND HEM B . -4.03 2.00 3.72
FE HEM B . -3.13 0.33 2.75
C7 CM5 C . -8.67 7.11 -12.16
C8 CM5 C . -8.03 5.75 -11.89
C9 CM5 C . -6.60 5.92 -11.41
C10 CM5 C . -6.56 6.78 -10.16
C11 CM5 C . -7.21 8.14 -10.42
C6 CM5 C . -8.64 7.99 -10.91
C5 CM5 C . -9.20 9.37 -11.26
C4 CM5 C . -10.63 9.27 -11.76
C3 CM5 C . -11.25 10.65 -11.94
C2 CM5 C . -12.73 10.53 -12.26
C1 CM5 C . -13.02 10.86 -13.72
O12 CM5 C . -14.44 10.81 -13.93
C13 CM5 C . -14.79 10.62 -15.30
C18 CM5 C . -16.30 10.39 -15.38
O22 CM5 C . -16.67 9.20 -14.68
C17 CM5 C . -16.75 10.27 -16.83
O21 CM5 C . -18.17 10.12 -16.88
O14 CM5 C . -14.49 11.84 -15.99
C15 CM5 C . -14.87 11.90 -17.36
C19 CM5 C . -14.63 13.33 -17.84
O20 CM5 C . -15.00 13.47 -19.21
C16 CM5 C . -16.32 11.48 -17.64
O23 CM5 C . -16.44 11.17 -19.03
C24 CM5 C . -17.06 12.19 -19.80
O25 CM5 C . -16.23 12.46 -20.93
C26 CM5 C . -16.76 13.40 -21.88
C30 CM5 C . -15.85 14.63 -21.90
O31 CM5 C . -16.05 15.35 -23.13
C27 CM5 C . -18.18 13.79 -21.54
O32 CM5 C . -18.73 14.55 -22.62
C28 CM5 C . -19.04 12.55 -21.31
O33 CM5 C . -20.36 12.93 -20.94
C29 CM5 C . -18.42 11.67 -20.23
O34 CM5 C . -18.29 10.34 -20.73
C7 CM5 D . -30.48 16.30 1.55
C8 CM5 D . -31.94 16.32 1.13
C9 CM5 D . -32.58 17.67 1.41
C10 CM5 D . -31.79 18.80 0.77
C11 CM5 D . -30.32 18.76 1.20
C6 CM5 D . -29.70 17.42 0.87
C5 CM5 D . -28.25 17.40 1.36
C4 CM5 D . -27.28 17.68 0.22
C3 CM5 D . -26.05 16.78 0.30
C2 CM5 D . -24.78 17.59 0.13
C1 CM5 D . -25.07 19.09 0.09
O12 CM5 D . -23.86 19.82 0.25
C13 CM5 D . -23.32 20.23 -1.01
C18 CM5 D . -23.66 21.70 -1.25
O22 CM5 D . -25.08 21.86 -1.33
C17 CM5 D . -23.01 22.20 -2.54
O21 CM5 D . -23.15 23.62 -2.62
O14 CM5 D . -21.90 20.06 -0.99
C15 CM5 D . -21.33 20.36 -2.27
C19 CM5 D . -19.84 20.01 -2.24
O20 CM5 D . -19.16 20.78 -3.23
C16 CM5 D . -21.53 21.84 -2.59
O23 CM5 D . -21.02 22.11 -3.88
C24 CM5 D . -21.09 23.51 -4.19
O25 CM5 D . -20.15 24.22 -3.40
C26 CM5 D . -18.83 23.71 -3.56
C30 CM5 D . -17.89 24.39 -2.57
O31 CM5 D . -17.09 23.40 -1.91
C27 CM5 D . -18.37 23.93 -5.00
O32 CM5 D . -17.07 23.35 -5.18
C28 CM5 D . -19.35 23.31 -5.98
O33 CM5 D . -19.02 23.73 -7.31
C29 CM5 D . -20.78 23.73 -5.67
O34 CM5 D . -21.68 22.95 -6.47
C7 CM5 E . 20.37 9.78 2.14
C8 CM5 E . 19.02 9.21 1.72
C9 CM5 E . 17.91 10.23 1.90
C10 CM5 E . 18.22 11.52 1.15
C11 CM5 E . 19.57 12.08 1.58
C6 CM5 E . 20.68 11.05 1.36
C5 CM5 E . 22.02 11.63 1.84
C4 CM5 E . 23.15 10.62 1.66
C3 CM5 E . 24.48 11.24 2.01
C2 CM5 E . 25.63 10.31 1.63
C1 CM5 E . 26.27 9.69 2.88
O12 CM5 E . 27.12 10.65 3.49
FAA 8PR F . -0.98 5.58 4.27
CAB 8PR F . -0.27 4.43 2.35
CAC 8PR F . 0.70 6.59 2.98
CAD 8PR F . 6.35 5.96 2.88
CAE 8PR F . 0.60 4.42 1.25
CAF 8PR F . 1.57 6.58 1.89
CAG 8PR F . 7.22 6.79 3.82
CAH 8PR F . 6.42 8.13 1.42
CAI 8PR F . 2.28 4.89 -2.69
CAJ 8PR F . 1.50 5.12 -1.37
CAK 8PR F . 4.37 4.48 -1.40
CAL 8PR F . 9.02 9.73 3.19
CAM 8PR F . 4.53 4.85 1.04
NAN 8PR F . 3.51 4.04 -2.57
OAO 8PR F . 5.09 6.09 0.64
OAP 8PR F . 8.55 8.71 4.13
OAQ 8PR F . 8.12 9.64 2.05
CAR 8PR F . -0.18 5.52 3.20
CAS 8PR F . 5.83 6.75 1.66
CAT 8PR F . 1.49 5.48 1.03
CAU 8PR F . 7.71 7.99 3.52
CAV 8PR F . 7.39 8.58 2.20
CAW 8PR F . 3.55 4.45 -0.08
CAX 8PR F . 2.42 5.48 -0.20
S SO4 G . -4.24 -27.97 -17.99
O1 SO4 G . -4.34 -26.95 -18.95
O2 SO4 G . -5.53 -28.30 -17.50
O3 SO4 G . -3.60 -29.14 -18.48
O4 SO4 G . -3.38 -27.54 -16.93
S SO4 H . 10.79 -27.10 -5.80
O1 SO4 H . 9.94 -26.00 -5.46
O2 SO4 H . 10.05 -28.15 -6.42
O3 SO4 H . 11.88 -26.71 -6.65
O4 SO4 H . 11.33 -27.62 -4.61
S SO4 I . -9.68 -17.06 5.21
O1 SO4 I . -10.71 -16.10 5.00
O2 SO4 I . -10.27 -18.18 5.84
O3 SO4 I . -9.04 -17.42 4.03
O4 SO4 I . -8.70 -16.51 6.09
S SO4 J . 18.53 -16.79 3.33
O1 SO4 J . 18.43 -15.63 4.03
O2 SO4 J . 17.41 -16.92 2.57
O3 SO4 J . 19.67 -16.67 2.63
O4 SO4 J . 18.60 -17.88 4.14
C1 GOL K . -4.16 2.02 23.90
O1 GOL K . -4.83 1.11 23.10
C2 GOL K . -2.73 1.56 24.06
O2 GOL K . -2.71 0.22 24.48
C3 GOL K . -1.95 2.46 25.00
O3 GOL K . -1.21 3.41 24.30
P PO4 L . 14.85 17.47 -9.31
O1 PO4 L . 15.85 18.54 -9.00
O2 PO4 L . 13.92 17.38 -8.11
O3 PO4 L . 14.12 17.83 -10.57
O4 PO4 L . 15.55 16.18 -9.58
P PO4 M . -19.25 10.83 -12.03
O1 PO4 M . -19.97 11.63 -11.04
O2 PO4 M . -20.20 9.92 -12.71
O3 PO4 M . -18.59 11.69 -13.04
O4 PO4 M . -18.18 10.11 -11.31
#